data_6MVN
#
_entry.id   6MVN
#
_cell.length_a   42.664
_cell.length_b   62.124
_cell.length_c   51.315
_cell.angle_alpha   90.00
_cell.angle_beta   90.21
_cell.angle_gamma   90.00
#
_symmetry.space_group_name_H-M   'P 1 21 1'
#
loop_
_entity.id
_entity.type
_entity.pdbx_description
1 polymer 'Transcriptional regulator LasR'
2 non-polymer 3-oxo-N-[(3S)-2-oxotetrahydrofuran-3-yl]decanamide
3 water water
#
_entity_poly.entity_id   1
_entity_poly.type   'polypeptide(L)'
_entity_poly.pdbx_seq_one_letter_code
;MALVDGFLELERSSGKLEWSAILQKMASDLGFSKILFGLLPKDSQDYENAFIVGNYPAAWREHYDRAGYARVDPTVSHCT
QSVLPIFWEPSIYQTRKQHEFFEEASAAGLVYGLTMPLHGARGELGALSFSVEAENRAEANRFMESVLPTLWMLKDYALQ
SGAGLAFEHPVSKPVVLTSREKEVLQWCAIGKTSWEISVICNCSEANVNFHMGNIRRKFGVTSRRVAAIMAVNLGLITL
;
_entity_poly.pdbx_strand_id   A,B
#
# COMPACT_ATOMS: atom_id res chain seq x y z
N PHE A 7 12.53 -5.42 -18.20
CA PHE A 7 11.89 -4.28 -18.85
C PHE A 7 10.72 -4.71 -19.71
N LEU A 8 11.00 -5.64 -20.62
CA LEU A 8 10.00 -6.10 -21.58
C LEU A 8 8.96 -7.00 -20.92
N GLU A 9 9.30 -7.54 -19.74
CA GLU A 9 8.33 -8.30 -18.96
C GLU A 9 7.14 -7.43 -18.55
N LEU A 10 7.40 -6.17 -18.20
CA LEU A 10 6.34 -5.20 -17.92
C LEU A 10 5.29 -5.15 -19.01
N GLU A 11 5.77 -5.12 -20.25
CA GLU A 11 4.89 -5.00 -21.40
C GLU A 11 4.06 -6.26 -21.66
N ARG A 12 4.59 -7.41 -21.22
CA ARG A 12 3.96 -8.68 -21.52
C ARG A 12 2.93 -9.07 -20.47
N SER A 13 3.04 -8.47 -19.29
CA SER A 13 2.16 -8.81 -18.18
C SER A 13 0.71 -8.48 -18.51
N SER A 14 -0.14 -9.50 -18.40
CA SER A 14 -1.56 -9.42 -18.75
C SER A 14 -2.27 -8.24 -18.08
N GLY A 15 -2.26 -8.24 -16.75
CA GLY A 15 -3.05 -7.27 -16.01
C GLY A 15 -2.31 -6.45 -14.97
N LYS A 16 -3.03 -5.46 -14.43
CA LYS A 16 -2.57 -4.59 -13.36
C LYS A 16 -1.82 -5.31 -12.26
N LEU A 17 -2.40 -6.41 -11.77
CA LEU A 17 -1.91 -7.05 -10.56
C LEU A 17 -0.52 -7.63 -10.76
N GLU A 18 -0.35 -8.41 -11.81
CA GLU A 18 0.96 -8.99 -12.09
C GLU A 18 1.93 -7.91 -12.54
N TRP A 19 1.43 -6.92 -13.27
CA TRP A 19 2.25 -5.79 -13.70
C TRP A 19 2.82 -5.10 -12.48
N SER A 20 1.94 -4.78 -11.54
CA SER A 20 2.34 -4.15 -10.29
CA SER A 20 2.33 -4.16 -10.27
C SER A 20 3.41 -4.96 -9.57
N ALA A 21 3.23 -6.28 -9.52
CA ALA A 21 4.18 -7.15 -8.84
C ALA A 21 5.53 -7.11 -9.53
N ILE A 22 5.54 -7.07 -10.85
CA ILE A 22 6.79 -6.99 -11.59
C ILE A 22 7.52 -5.68 -11.30
N LEU A 23 6.76 -4.60 -11.27
CA LEU A 23 7.32 -3.28 -11.05
C LEU A 23 7.92 -3.19 -9.66
N GLN A 24 7.16 -3.65 -8.66
CA GLN A 24 7.62 -3.64 -7.27
C GLN A 24 8.88 -4.48 -7.10
N LYS A 25 8.91 -5.65 -7.74
CA LYS A 25 10.07 -6.51 -7.63
C LYS A 25 11.28 -5.85 -8.29
N MET A 26 11.08 -5.28 -9.49
CA MET A 26 12.18 -4.60 -10.16
C MET A 26 12.73 -3.49 -9.28
N ALA A 27 11.83 -2.75 -8.64
CA ALA A 27 12.24 -1.70 -7.73
C ALA A 27 12.99 -2.26 -6.52
N SER A 28 12.46 -3.34 -5.96
CA SER A 28 13.11 -4.04 -4.86
C SER A 28 14.53 -4.48 -5.22
N ASP A 29 14.68 -5.09 -6.41
CA ASP A 29 15.99 -5.51 -6.89
C ASP A 29 16.98 -4.35 -6.82
N LEU A 30 16.56 -3.18 -7.32
CA LEU A 30 17.44 -2.02 -7.35
C LEU A 30 17.72 -1.43 -5.97
N GLY A 31 17.03 -1.91 -4.94
CA GLY A 31 17.24 -1.40 -3.61
C GLY A 31 16.31 -0.28 -3.14
N PHE A 32 15.09 -0.25 -3.66
CA PHE A 32 14.09 0.68 -3.16
C PHE A 32 13.05 -0.08 -2.34
N SER A 33 12.57 0.49 -1.24
CA SER A 33 11.60 -0.23 -0.43
C SER A 33 10.15 0.16 -0.72
N LYS A 34 9.92 1.37 -1.23
CA LYS A 34 8.55 1.76 -1.56
C LYS A 34 8.47 2.40 -2.94
N ILE A 35 7.41 2.12 -3.67
CA ILE A 35 7.19 2.78 -4.96
C ILE A 35 5.76 3.22 -5.09
N LEU A 36 5.56 4.21 -5.95
CA LEU A 36 4.25 4.63 -6.35
C LEU A 36 4.28 4.91 -7.85
N PHE A 37 3.39 4.26 -8.59
CA PHE A 37 3.15 4.60 -9.98
C PHE A 37 1.73 5.17 -9.98
N GLY A 38 1.59 6.39 -10.47
CA GLY A 38 0.32 7.06 -10.49
C GLY A 38 0.05 7.73 -11.82
N LEU A 39 -1.16 7.59 -12.34
CA LEU A 39 -1.45 8.03 -13.70
C LEU A 39 -2.85 8.64 -13.83
N LEU A 40 -2.90 9.75 -14.56
CA LEU A 40 -4.11 10.47 -14.90
C LEU A 40 -4.22 10.67 -16.39
N PRO A 41 -5.44 10.64 -16.94
CA PRO A 41 -5.55 10.82 -18.38
C PRO A 41 -5.32 12.28 -18.75
N LYS A 42 -5.21 12.54 -20.05
CA LYS A 42 -5.03 13.90 -20.56
C LYS A 42 -6.08 14.88 -20.05
N ASP A 43 -5.61 16.06 -19.61
CA ASP A 43 -6.47 17.17 -19.20
C ASP A 43 -7.22 16.90 -17.92
N SER A 44 -6.86 15.84 -17.21
CA SER A 44 -7.54 15.51 -15.98
C SER A 44 -6.78 16.05 -14.79
N GLN A 45 -7.49 16.54 -13.79
CA GLN A 45 -6.88 16.95 -12.53
C GLN A 45 -7.60 16.29 -11.37
N ASP A 46 -8.10 15.10 -11.60
CA ASP A 46 -8.78 14.32 -10.59
C ASP A 46 -7.76 13.46 -9.86
N TYR A 47 -6.88 14.10 -9.10
CA TYR A 47 -5.75 13.40 -8.48
C TYR A 47 -6.17 12.32 -7.48
N GLU A 48 -7.31 12.52 -6.83
CA GLU A 48 -7.77 11.60 -5.81
C GLU A 48 -8.38 10.32 -6.40
N ASN A 49 -8.53 10.28 -7.73
CA ASN A 49 -8.96 9.07 -8.41
C ASN A 49 -7.98 8.66 -9.51
N ALA A 50 -6.73 9.06 -9.36
CA ALA A 50 -5.70 8.59 -10.26
C ALA A 50 -5.59 7.08 -10.20
N PHE A 51 -5.06 6.48 -11.26
CA PHE A 51 -4.65 5.10 -11.24
C PHE A 51 -3.38 5.02 -10.40
N ILE A 52 -3.39 4.19 -9.36
CA ILE A 52 -2.26 4.08 -8.44
C ILE A 52 -1.82 2.64 -8.25
N VAL A 53 -0.53 2.36 -8.44
CA VAL A 53 -0.02 1.09 -7.94
C VAL A 53 1.19 1.32 -7.07
N GLY A 54 1.56 0.27 -6.35
CA GLY A 54 2.75 0.29 -5.52
C GLY A 54 2.42 -0.04 -4.06
N ASN A 55 3.39 0.16 -3.18
CA ASN A 55 3.21 -0.21 -1.79
C ASN A 55 3.38 0.96 -0.82
N TYR A 56 2.92 2.15 -1.19
CA TYR A 56 2.91 3.26 -0.23
C TYR A 56 1.99 2.87 0.93
N PRO A 57 2.26 3.36 2.15
CA PRO A 57 1.32 3.02 3.22
C PRO A 57 -0.09 3.50 2.89
N ALA A 58 -1.08 2.63 3.10
CA ALA A 58 -2.46 2.93 2.78
C ALA A 58 -2.99 4.11 3.59
N ALA A 59 -2.43 4.31 4.78
CA ALA A 59 -2.83 5.44 5.61
C ALA A 59 -2.34 6.73 4.96
N TRP A 60 -1.12 6.69 4.45
CA TRP A 60 -0.58 7.85 3.74
C TRP A 60 -1.39 8.16 2.51
N ARG A 61 -1.64 7.15 1.70
CA ARG A 61 -2.44 7.32 0.48
C ARG A 61 -3.81 7.94 0.77
N GLU A 62 -4.47 7.47 1.82
CA GLU A 62 -5.82 7.96 2.12
C GLU A 62 -5.80 9.39 2.64
N HIS A 63 -4.92 9.64 3.59
CA HIS A 63 -4.69 10.99 4.13
C HIS A 63 -4.34 12.00 3.02
N TYR A 64 -3.44 11.58 2.12
CA TYR A 64 -2.99 12.38 0.98
C TYR A 64 -4.16 12.82 0.13
N ASP A 65 -4.97 11.85 -0.28
CA ASP A 65 -6.14 12.11 -1.11
C ASP A 65 -7.20 12.93 -0.35
N ARG A 66 -7.46 12.55 0.90
CA ARG A 66 -8.44 13.26 1.70
C ARG A 66 -8.04 14.73 1.91
N ALA A 67 -6.74 14.97 2.14
CA ALA A 67 -6.25 16.31 2.38
C ALA A 67 -5.93 17.07 1.11
N GLY A 68 -6.16 16.43 -0.04
CA GLY A 68 -5.81 17.05 -1.32
C GLY A 68 -4.34 17.42 -1.51
N TYR A 69 -3.45 16.62 -0.90
CA TYR A 69 -2.02 16.92 -0.95
C TYR A 69 -1.39 16.93 -2.33
N ALA A 70 -2.14 16.50 -3.35
CA ALA A 70 -1.64 16.58 -4.71
C ALA A 70 -1.40 18.03 -5.13
N ARG A 71 -2.13 18.96 -4.53
CA ARG A 71 -1.94 20.39 -4.76
C ARG A 71 -0.79 20.93 -3.91
N VAL A 72 -0.32 20.11 -2.97
CA VAL A 72 0.69 20.53 -2.01
C VAL A 72 2.04 19.86 -2.28
N ASP A 73 1.99 18.58 -2.63
CA ASP A 73 3.17 17.77 -2.93
C ASP A 73 4.01 18.46 -3.98
N PRO A 74 5.23 18.89 -3.61
CA PRO A 74 6.06 19.61 -4.59
C PRO A 74 6.48 18.71 -5.74
N THR A 75 6.38 17.39 -5.57
CA THR A 75 6.77 16.52 -6.69
C THR A 75 5.67 16.53 -7.73
N VAL A 76 4.43 16.79 -7.31
CA VAL A 76 3.34 16.71 -8.27
C VAL A 76 3.26 17.96 -9.13
N SER A 77 3.36 19.16 -8.53
CA SER A 77 3.45 20.37 -9.33
C SER A 77 4.63 20.27 -10.31
N HIS A 78 5.77 19.77 -9.84
CA HIS A 78 6.93 19.60 -10.71
C HIS A 78 6.61 18.72 -11.91
N CYS A 79 5.95 17.59 -11.67
CA CYS A 79 5.54 16.68 -12.74
C CYS A 79 4.66 17.36 -13.78
N THR A 80 3.81 18.28 -13.35
CA THR A 80 2.93 19.00 -14.28
C THR A 80 3.73 19.98 -15.14
N GLN A 81 4.97 20.23 -14.75
CA GLN A 81 5.82 21.24 -15.36
C GLN A 81 7.05 20.70 -16.10
N SER A 82 7.43 19.45 -15.85
CA SER A 82 8.70 18.97 -16.34
C SER A 82 8.73 17.49 -16.68
N VAL A 83 9.74 17.06 -17.44
CA VAL A 83 9.93 15.63 -17.73
C VAL A 83 11.16 15.10 -16.99
N LEU A 84 11.79 15.99 -16.22
CA LEU A 84 13.03 15.65 -15.51
C LEU A 84 12.77 15.25 -14.06
N PRO A 85 13.62 14.36 -13.51
CA PRO A 85 13.43 13.79 -12.16
C PRO A 85 13.57 14.84 -11.09
N ILE A 86 12.87 14.66 -9.97
CA ILE A 86 13.04 15.53 -8.82
C ILE A 86 13.40 14.68 -7.61
N PHE A 87 14.54 14.97 -7.00
CA PHE A 87 14.97 14.24 -5.81
C PHE A 87 14.21 14.83 -4.64
N TRP A 88 13.90 14.00 -3.65
CA TRP A 88 13.21 14.49 -2.47
C TRP A 88 14.19 15.18 -1.51
N GLU A 89 14.88 16.20 -2.00
CA GLU A 89 15.74 17.05 -1.16
C GLU A 89 14.89 17.95 -0.27
N PRO A 90 15.40 18.31 0.94
CA PRO A 90 14.67 19.16 1.89
C PRO A 90 14.22 20.47 1.27
N SER A 91 14.98 20.92 0.28
CA SER A 91 14.76 22.22 -0.31
C SER A 91 13.64 22.23 -1.36
N ILE A 92 13.07 21.07 -1.69
CA ILE A 92 11.89 21.08 -2.55
C ILE A 92 10.66 21.36 -1.68
N TYR A 93 10.83 21.24 -0.37
CA TYR A 93 9.75 21.50 0.56
C TYR A 93 9.85 22.95 1.05
N GLN A 94 9.25 23.86 0.31
CA GLN A 94 9.51 25.29 0.50
C GLN A 94 8.42 26.07 1.21
N THR A 95 7.17 25.64 1.10
CA THR A 95 6.08 26.36 1.75
C THR A 95 5.87 25.79 3.14
N ARG A 96 5.15 26.50 3.98
CA ARG A 96 4.85 26.00 5.32
C ARG A 96 4.06 24.70 5.22
N LYS A 97 3.15 24.64 4.26
CA LYS A 97 2.32 23.45 4.12
C LYS A 97 3.15 22.29 3.56
N GLN A 98 4.12 22.59 2.69
CA GLN A 98 5.02 21.55 2.20
C GLN A 98 5.98 21.07 3.29
N HIS A 99 6.31 21.95 4.22
CA HIS A 99 7.07 21.62 5.44
C HIS A 99 6.32 20.57 6.27
N GLU A 100 5.05 20.85 6.55
CA GLU A 100 4.17 19.93 7.23
C GLU A 100 3.95 18.63 6.43
N PHE A 101 3.78 18.79 5.12
CA PHE A 101 3.72 17.65 4.21
C PHE A 101 4.91 16.71 4.44
N PHE A 102 6.10 17.28 4.47
CA PHE A 102 7.31 16.49 4.68
C PHE A 102 7.32 15.82 6.05
N GLU A 103 6.87 16.55 7.07
CA GLU A 103 6.78 15.99 8.42
C GLU A 103 5.90 14.75 8.36
N GLU A 104 4.75 14.91 7.72
CA GLU A 104 3.79 13.82 7.66
C GLU A 104 4.30 12.68 6.76
N ALA A 105 4.96 13.02 5.66
CA ALA A 105 5.49 11.98 4.77
C ALA A 105 6.60 11.19 5.47
N SER A 106 7.38 11.87 6.32
CA SER A 106 8.46 11.22 7.05
C SER A 106 7.90 10.21 8.05
N ALA A 107 6.86 10.61 8.78
CA ALA A 107 6.19 9.74 9.72
C ALA A 107 5.65 8.47 9.05
N ALA A 108 5.45 8.52 7.73
CA ALA A 108 4.95 7.36 7.01
C ALA A 108 6.07 6.62 6.30
N GLY A 109 7.31 7.01 6.58
CA GLY A 109 8.45 6.29 6.03
C GLY A 109 8.96 6.81 4.69
N LEU A 110 8.46 7.96 4.26
CA LEU A 110 8.82 8.49 2.95
C LEU A 110 9.75 9.69 3.05
N VAL A 111 11.03 9.43 3.33
CA VAL A 111 11.98 10.51 3.58
C VAL A 111 12.90 10.74 2.39
N TYR A 112 13.52 9.67 1.92
CA TYR A 112 14.48 9.75 0.83
C TYR A 112 13.89 9.13 -0.41
N GLY A 113 14.11 9.76 -1.55
CA GLY A 113 13.63 9.22 -2.79
C GLY A 113 13.73 10.21 -3.92
N LEU A 114 13.07 9.88 -5.02
CA LEU A 114 12.97 10.76 -6.16
C LEU A 114 11.71 10.42 -6.90
N THR A 115 11.28 11.34 -7.75
CA THR A 115 10.09 11.16 -8.56
C THR A 115 10.41 11.46 -10.00
N MET A 116 10.05 10.53 -10.87
CA MET A 116 10.19 10.70 -12.30
C MET A 116 8.83 11.07 -12.87
N PRO A 117 8.70 12.29 -13.42
CA PRO A 117 7.44 12.66 -14.06
C PRO A 117 7.08 11.72 -15.21
N LEU A 118 5.80 11.52 -15.45
CA LEU A 118 5.36 10.71 -16.58
C LEU A 118 4.50 11.53 -17.52
N HIS A 119 4.90 11.59 -18.79
CA HIS A 119 4.06 12.23 -19.79
C HIS A 119 3.95 11.31 -20.99
N GLY A 120 2.79 10.65 -21.08
CA GLY A 120 2.59 9.55 -22.02
C GLY A 120 2.17 10.05 -23.39
N ALA A 121 2.15 9.14 -24.35
CA ALA A 121 1.89 9.51 -25.73
C ALA A 121 0.50 10.13 -25.93
N ARG A 122 -0.47 9.75 -25.11
CA ARG A 122 -1.82 10.24 -25.32
C ARG A 122 -2.26 11.24 -24.25
N GLY A 123 -1.32 12.05 -23.79
CA GLY A 123 -1.62 13.12 -22.85
C GLY A 123 -1.68 12.69 -21.39
N GLU A 124 -1.46 11.41 -21.11
CA GLU A 124 -1.40 10.96 -19.72
C GLU A 124 -0.39 11.78 -18.95
N LEU A 125 -0.77 12.14 -17.74
CA LEU A 125 0.09 12.78 -16.77
C LEU A 125 0.27 11.79 -15.62
N GLY A 126 1.48 11.71 -15.06
CA GLY A 126 1.68 10.85 -13.93
C GLY A 126 3.02 10.97 -13.24
N ALA A 127 3.28 10.05 -12.33
CA ALA A 127 4.54 10.05 -11.59
C ALA A 127 4.98 8.65 -11.27
N LEU A 128 6.29 8.41 -11.33
CA LEU A 128 6.84 7.18 -10.77
C LEU A 128 7.87 7.56 -9.71
N SER A 129 7.50 7.31 -8.47
CA SER A 129 8.32 7.63 -7.32
C SER A 129 8.97 6.37 -6.79
N PHE A 130 10.21 6.52 -6.33
CA PHE A 130 10.98 5.43 -5.75
C PHE A 130 11.52 5.94 -4.43
N SER A 131 11.21 5.27 -3.33
CA SER A 131 11.76 5.69 -2.03
C SER A 131 12.72 4.64 -1.47
N VAL A 132 13.82 5.14 -0.90
CA VAL A 132 14.89 4.29 -0.38
C VAL A 132 15.08 4.52 1.12
N GLU A 133 15.20 3.44 1.89
CA GLU A 133 15.47 3.58 3.32
C GLU A 133 16.96 3.77 3.55
N ALA A 134 17.35 4.98 3.94
CA ALA A 134 18.76 5.33 4.11
C ALA A 134 18.97 6.05 5.43
N GLU A 135 20.22 6.12 5.88
CA GLU A 135 20.54 6.70 7.16
C GLU A 135 20.80 8.21 7.06
N ASN A 136 21.18 8.66 5.87
CA ASN A 136 21.39 10.08 5.66
C ASN A 136 21.27 10.48 4.19
N ARG A 137 21.20 11.78 3.95
CA ARG A 137 20.96 12.32 2.62
C ARG A 137 22.14 12.10 1.70
N ALA A 138 23.33 12.01 2.28
CA ALA A 138 24.52 11.81 1.47
C ALA A 138 24.50 10.41 0.90
N GLU A 139 24.13 9.44 1.71
CA GLU A 139 24.08 8.06 1.28
C GLU A 139 22.97 7.82 0.26
N ALA A 140 21.78 8.33 0.55
CA ALA A 140 20.63 8.16 -0.32
C ALA A 140 20.88 8.72 -1.72
N ASN A 141 21.20 10.01 -1.80
CA ASN A 141 21.44 10.68 -3.08
C ASN A 141 22.49 9.99 -3.93
N ARG A 142 23.57 9.57 -3.29
CA ARG A 142 24.66 8.91 -3.98
C ARG A 142 24.18 7.55 -4.53
N PHE A 143 23.30 6.91 -3.77
CA PHE A 143 22.68 5.67 -4.21
C PHE A 143 21.77 5.86 -5.42
N MET A 144 20.88 6.86 -5.33
CA MET A 144 19.93 7.11 -6.39
C MET A 144 20.65 7.51 -7.67
N GLU A 145 21.74 8.24 -7.50
CA GLU A 145 22.57 8.66 -8.63
C GLU A 145 23.18 7.46 -9.35
N SER A 146 23.48 6.39 -8.62
CA SER A 146 24.05 5.20 -9.22
C SER A 146 23.05 4.50 -10.14
N VAL A 147 21.79 4.44 -9.73
CA VAL A 147 20.79 3.69 -10.47
C VAL A 147 19.98 4.55 -11.43
N LEU A 148 20.21 5.87 -11.39
CA LEU A 148 19.38 6.81 -12.13
C LEU A 148 19.25 6.53 -13.64
N PRO A 149 20.34 6.15 -14.32
CA PRO A 149 20.13 5.80 -15.72
C PRO A 149 19.17 4.61 -15.90
N THR A 150 19.26 3.63 -15.03
CA THR A 150 18.33 2.51 -15.08
C THR A 150 16.89 2.98 -14.84
N LEU A 151 16.69 3.76 -13.78
CA LEU A 151 15.38 4.34 -13.47
C LEU A 151 14.80 5.10 -14.67
N TRP A 152 15.68 5.85 -15.36
CA TRP A 152 15.25 6.68 -16.47
C TRP A 152 14.62 5.87 -17.60
N MET A 153 15.18 4.71 -17.92
CA MET A 153 14.59 3.86 -18.93
C MET A 153 13.37 3.19 -18.34
N LEU A 154 13.48 2.78 -17.07
CA LEU A 154 12.40 2.08 -16.38
C LEU A 154 11.11 2.90 -16.37
N LYS A 155 11.20 4.19 -16.08
CA LYS A 155 9.99 5.01 -15.98
C LYS A 155 9.23 5.09 -17.30
N ASP A 156 9.93 5.09 -18.42
CA ASP A 156 9.25 5.19 -19.71
C ASP A 156 8.67 3.83 -20.12
N TYR A 157 9.36 2.74 -19.80
CA TYR A 157 8.78 1.42 -20.02
C TYR A 157 7.54 1.24 -19.17
N ALA A 158 7.67 1.58 -17.89
CA ALA A 158 6.55 1.55 -16.95
C ALA A 158 5.36 2.34 -17.48
N LEU A 159 5.62 3.58 -17.87
CA LEU A 159 4.60 4.45 -18.44
C LEU A 159 3.90 3.86 -19.67
N GLN A 160 4.69 3.32 -20.60
CA GLN A 160 4.08 2.83 -21.83
C GLN A 160 3.24 1.60 -21.54
N SER A 161 3.79 0.65 -20.81
CA SER A 161 3.02 -0.55 -20.52
C SER A 161 1.88 -0.21 -19.54
N GLY A 162 2.20 0.52 -18.48
CA GLY A 162 1.19 0.89 -17.49
C GLY A 162 0.02 1.66 -18.06
N ALA A 163 0.30 2.62 -18.93
CA ALA A 163 -0.76 3.33 -19.64
C ALA A 163 -1.53 2.35 -20.50
N GLY A 164 -0.83 1.33 -21.00
CA GLY A 164 -1.42 0.34 -21.88
C GLY A 164 -2.41 -0.59 -21.21
N LEU A 165 -2.36 -0.69 -19.88
CA LEU A 165 -3.33 -1.47 -19.13
C LEU A 165 -4.42 -0.54 -18.63
N ALA A 166 -4.11 0.75 -18.64
CA ALA A 166 -5.03 1.79 -18.20
C ALA A 166 -5.77 2.41 -19.39
N PHE A 167 -5.02 3.02 -20.31
CA PHE A 167 -5.58 3.57 -21.55
C PHE A 167 -6.34 2.52 -22.35
N GLU A 168 -5.90 1.26 -22.22
CA GLU A 168 -6.59 0.09 -22.80
C GLU A 168 -6.08 -1.20 -22.15
N PHE B 7 3.64 -3.23 22.50
CA PHE B 7 2.22 -3.05 22.18
C PHE B 7 1.71 -1.70 22.67
N LEU B 8 2.34 -1.17 23.71
CA LEU B 8 1.87 0.08 24.33
C LEU B 8 2.29 1.27 23.49
N GLU B 9 3.36 1.09 22.74
CA GLU B 9 3.82 2.06 21.77
C GLU B 9 2.75 2.33 20.71
N LEU B 10 1.91 1.33 20.47
CA LEU B 10 0.71 1.50 19.63
C LEU B 10 -0.34 2.36 20.33
N GLU B 11 -0.60 2.05 21.60
CA GLU B 11 -1.60 2.74 22.41
C GLU B 11 -1.34 4.24 22.54
N ARG B 12 -0.07 4.60 22.55
CA ARG B 12 0.32 5.98 22.80
C ARG B 12 0.39 6.81 21.51
N SER B 13 0.04 6.18 20.40
CA SER B 13 0.20 6.81 19.10
C SER B 13 -0.76 7.99 18.93
N SER B 14 -0.23 9.12 18.50
CA SER B 14 -1.04 10.32 18.38
C SER B 14 -1.93 10.27 17.15
N GLY B 15 -1.36 9.91 16.01
CA GLY B 15 -2.11 9.97 14.77
C GLY B 15 -2.02 8.73 13.92
N LYS B 16 -2.85 8.69 12.88
CA LYS B 16 -2.96 7.54 11.99
C LYS B 16 -1.63 7.17 11.33
N LEU B 17 -0.94 8.16 10.73
CA LEU B 17 0.32 7.89 10.04
C LEU B 17 1.38 7.29 10.97
N GLU B 18 1.46 7.85 12.18
CA GLU B 18 2.42 7.39 13.17
C GLU B 18 2.09 5.95 13.63
N TRP B 19 0.83 5.74 13.98
CA TRP B 19 0.33 4.44 14.39
C TRP B 19 0.55 3.39 13.28
N SER B 20 0.29 3.79 12.04
CA SER B 20 0.45 2.91 10.89
CA SER B 20 0.45 2.89 10.90
C SER B 20 1.88 2.39 10.76
N ALA B 21 2.84 3.30 10.88
CA ALA B 21 4.24 2.94 10.73
C ALA B 21 4.61 1.90 11.77
N ILE B 22 4.22 2.13 13.02
CA ILE B 22 4.64 1.21 14.06
C ILE B 22 3.92 -0.14 13.89
N LEU B 23 2.67 -0.12 13.42
CA LEU B 23 1.97 -1.38 13.17
C LEU B 23 2.67 -2.18 12.06
N GLN B 24 3.04 -1.49 10.98
CA GLN B 24 3.74 -2.10 9.84
C GLN B 24 5.10 -2.66 10.25
N LYS B 25 5.84 -1.87 11.03
CA LYS B 25 7.15 -2.29 11.54
C LYS B 25 7.05 -3.55 12.39
N MET B 26 6.10 -3.58 13.31
CA MET B 26 5.94 -4.71 14.21
C MET B 26 5.58 -5.98 13.44
N ALA B 27 4.59 -5.88 12.56
CA ALA B 27 4.23 -7.01 11.72
C ALA B 27 5.42 -7.49 10.89
N SER B 28 6.21 -6.54 10.38
CA SER B 28 7.40 -6.84 9.60
C SER B 28 8.42 -7.59 10.42
N ASP B 29 8.72 -7.05 11.61
CA ASP B 29 9.57 -7.73 12.59
C ASP B 29 9.10 -9.17 12.86
N LEU B 30 7.81 -9.43 12.72
CA LEU B 30 7.27 -10.75 13.03
C LEU B 30 7.23 -11.71 11.83
N GLY B 31 7.60 -11.20 10.66
CA GLY B 31 7.66 -12.03 9.45
C GLY B 31 6.67 -11.68 8.35
N PHE B 32 5.91 -10.60 8.54
CA PHE B 32 4.81 -10.29 7.64
C PHE B 32 5.05 -9.01 6.87
N SER B 33 5.48 -9.17 5.62
CA SER B 33 5.85 -8.05 4.79
C SER B 33 4.64 -7.30 4.26
N LYS B 34 3.47 -7.93 4.29
CA LYS B 34 2.23 -7.27 3.83
C LYS B 34 1.12 -7.42 4.84
N ILE B 35 0.46 -6.32 5.16
CA ILE B 35 -0.60 -6.33 6.16
C ILE B 35 -1.72 -5.37 5.80
N LEU B 36 -2.92 -5.67 6.29
CA LEU B 36 -4.02 -4.75 6.19
C LEU B 36 -4.82 -4.69 7.48
N PHE B 37 -4.89 -3.49 8.04
CA PHE B 37 -5.83 -3.17 9.10
C PHE B 37 -6.95 -2.40 8.47
N GLY B 38 -8.17 -2.94 8.56
CA GLY B 38 -9.35 -2.30 8.03
C GLY B 38 -10.47 -2.31 9.05
N LEU B 39 -11.07 -1.16 9.33
CA LEU B 39 -12.09 -1.07 10.37
C LEU B 39 -13.28 -0.23 9.95
N LEU B 40 -14.47 -0.72 10.27
CA LEU B 40 -15.71 0.02 10.06
C LEU B 40 -16.33 0.38 11.41
N PRO B 41 -17.07 1.50 11.46
CA PRO B 41 -17.85 1.75 12.68
C PRO B 41 -19.06 0.83 12.71
N LYS B 42 -19.77 0.84 13.85
CA LYS B 42 -20.93 -0.02 14.06
C LYS B 42 -21.86 -0.06 12.85
N ASP B 43 -22.08 -1.26 12.32
CA ASP B 43 -23.08 -1.51 11.28
C ASP B 43 -22.83 -0.86 9.92
N SER B 44 -21.62 -0.40 9.67
CA SER B 44 -21.33 0.18 8.37
C SER B 44 -20.96 -0.94 7.41
N GLN B 45 -21.87 -1.30 6.52
CA GLN B 45 -21.64 -2.40 5.60
C GLN B 45 -21.00 -1.89 4.31
N ASP B 46 -20.78 -0.59 4.22
CA ASP B 46 -20.08 -0.01 3.06
C ASP B 46 -18.58 -0.13 3.28
N TYR B 47 -18.05 -1.27 2.86
CA TYR B 47 -16.66 -1.60 3.13
C TYR B 47 -15.68 -0.60 2.50
N GLU B 48 -16.14 0.14 1.49
CA GLU B 48 -15.29 1.12 0.83
C GLU B 48 -15.19 2.42 1.65
N ASN B 49 -15.91 2.45 2.76
CA ASN B 49 -15.85 3.57 3.70
C ASN B 49 -14.80 3.33 4.78
N ALA B 50 -14.36 2.07 4.89
CA ALA B 50 -13.55 1.63 6.01
C ALA B 50 -12.23 2.37 6.18
N PHE B 51 -11.88 2.65 7.44
CA PHE B 51 -10.54 3.07 7.79
C PHE B 51 -9.57 1.96 7.44
N ILE B 52 -8.51 2.33 6.74
CA ILE B 52 -7.60 1.36 6.15
C ILE B 52 -6.16 1.79 6.29
N VAL B 53 -5.36 0.92 6.91
CA VAL B 53 -3.94 1.11 6.88
C VAL B 53 -3.28 -0.23 6.53
N GLY B 54 -1.99 -0.17 6.29
CA GLY B 54 -1.22 -1.33 5.90
C GLY B 54 -0.54 -1.03 4.58
N ASN B 55 0.11 -2.05 4.02
CA ASN B 55 0.88 -1.84 2.82
C ASN B 55 0.54 -2.85 1.73
N TYR B 56 -0.73 -3.27 1.68
CA TYR B 56 -1.21 -4.03 0.53
C TYR B 56 -1.01 -3.21 -0.73
N PRO B 57 -0.61 -3.87 -1.84
CA PRO B 57 -0.49 -3.18 -3.13
C PRO B 57 -1.72 -2.34 -3.44
N ALA B 58 -1.51 -1.09 -3.82
CA ALA B 58 -2.62 -0.17 -4.02
C ALA B 58 -3.56 -0.63 -5.11
N ALA B 59 -3.01 -1.24 -6.17
CA ALA B 59 -3.82 -1.77 -7.26
C ALA B 59 -4.80 -2.79 -6.69
N TRP B 60 -4.30 -3.68 -5.83
CA TRP B 60 -5.14 -4.68 -5.18
C TRP B 60 -6.25 -4.03 -4.36
N ARG B 61 -5.89 -3.08 -3.51
CA ARG B 61 -6.87 -2.42 -2.64
CA ARG B 61 -6.85 -2.37 -2.64
C ARG B 61 -8.00 -1.75 -3.43
N GLU B 62 -7.65 -0.87 -4.35
CA GLU B 62 -8.64 -0.17 -5.16
C GLU B 62 -9.48 -1.16 -5.97
N HIS B 63 -8.84 -2.19 -6.50
CA HIS B 63 -9.58 -3.22 -7.21
C HIS B 63 -10.51 -3.96 -6.25
N TYR B 64 -10.01 -4.23 -5.05
CA TYR B 64 -10.77 -4.88 -3.99
C TYR B 64 -12.01 -4.06 -3.60
N ASP B 65 -11.77 -2.80 -3.23
CA ASP B 65 -12.82 -1.89 -2.77
C ASP B 65 -13.73 -1.37 -3.88
N ARG B 66 -13.57 -1.87 -5.11
CA ARG B 66 -14.40 -1.40 -6.21
C ARG B 66 -15.31 -2.46 -6.79
N ALA B 67 -14.84 -3.71 -6.85
CA ALA B 67 -15.67 -4.78 -7.35
C ALA B 67 -16.23 -5.60 -6.20
N GLY B 68 -16.34 -4.97 -5.04
CA GLY B 68 -16.96 -5.58 -3.87
C GLY B 68 -16.41 -6.93 -3.48
N TYR B 69 -15.08 -7.05 -3.51
CA TYR B 69 -14.43 -8.31 -3.16
C TYR B 69 -14.63 -8.58 -1.67
N ALA B 70 -14.94 -7.53 -0.91
CA ALA B 70 -15.30 -7.66 0.50
C ALA B 70 -16.52 -8.55 0.68
N ARG B 71 -17.36 -8.59 -0.34
CA ARG B 71 -18.57 -9.41 -0.30
C ARG B 71 -18.29 -10.80 -0.84
N VAL B 72 -17.11 -10.99 -1.41
CA VAL B 72 -16.69 -12.29 -1.93
C VAL B 72 -15.59 -12.93 -1.07
N ASP B 73 -14.66 -12.09 -0.60
CA ASP B 73 -13.56 -12.51 0.27
C ASP B 73 -14.04 -13.41 1.40
N PRO B 74 -13.63 -14.69 1.40
CA PRO B 74 -14.10 -15.57 2.48
C PRO B 74 -13.68 -15.09 3.87
N THR B 75 -12.59 -14.33 3.98
CA THR B 75 -12.12 -13.88 5.29
C THR B 75 -13.07 -12.83 5.90
N VAL B 76 -13.71 -12.02 5.06
CA VAL B 76 -14.61 -10.98 5.53
C VAL B 76 -15.96 -11.57 5.96
N SER B 77 -16.36 -12.60 5.24
CA SER B 77 -17.55 -13.37 5.59
C SER B 77 -17.36 -13.97 6.99
N HIS B 78 -16.19 -14.55 7.17
CA HIS B 78 -15.82 -15.17 8.43
C HIS B 78 -15.79 -14.13 9.55
N CYS B 79 -15.25 -12.96 9.26
CA CYS B 79 -15.09 -11.93 10.28
C CYS B 79 -16.44 -11.50 10.87
N THR B 80 -17.49 -11.54 10.07
CA THR B 80 -18.81 -11.07 10.53
C THR B 80 -19.52 -12.13 11.35
N GLN B 81 -18.85 -13.25 11.56
CA GLN B 81 -19.46 -14.39 12.23
C GLN B 81 -18.59 -14.94 13.35
N SER B 82 -17.30 -14.59 13.34
CA SER B 82 -16.35 -15.18 14.27
C SER B 82 -15.43 -14.14 14.90
N VAL B 83 -14.79 -14.49 16.01
CA VAL B 83 -13.69 -13.70 16.55
C VAL B 83 -12.39 -14.45 16.36
N LEU B 84 -12.48 -15.67 15.82
CA LEU B 84 -11.32 -16.52 15.67
C LEU B 84 -10.60 -16.24 14.35
N PRO B 85 -9.27 -16.42 14.33
CA PRO B 85 -8.48 -16.18 13.12
C PRO B 85 -8.87 -17.15 11.99
N ILE B 86 -8.73 -16.71 10.75
CA ILE B 86 -8.89 -17.61 9.62
C ILE B 86 -7.63 -17.55 8.78
N PHE B 87 -7.08 -18.73 8.53
CA PHE B 87 -5.91 -18.88 7.66
C PHE B 87 -6.38 -18.89 6.21
N TRP B 88 -5.64 -18.19 5.35
CA TRP B 88 -5.97 -18.13 3.93
C TRP B 88 -5.65 -19.44 3.23
N GLU B 89 -6.67 -20.20 2.84
CA GLU B 89 -6.41 -21.42 2.10
C GLU B 89 -7.62 -21.84 1.29
N PRO B 90 -7.41 -22.66 0.23
CA PRO B 90 -8.48 -23.24 -0.59
C PRO B 90 -9.57 -23.93 0.25
N SER B 91 -9.23 -24.28 1.48
CA SER B 91 -10.21 -24.76 2.45
C SER B 91 -11.23 -23.66 2.76
N ILE B 92 -10.86 -22.40 2.48
CA ILE B 92 -11.77 -21.27 2.63
C ILE B 92 -12.12 -20.64 1.26
N TYR B 93 -11.19 -20.68 0.30
CA TYR B 93 -11.52 -20.35 -1.10
C TYR B 93 -11.95 -21.60 -1.85
N GLN B 94 -13.25 -21.82 -2.00
CA GLN B 94 -13.69 -23.06 -2.63
C GLN B 94 -14.68 -22.81 -3.78
N THR B 95 -15.45 -21.72 -3.66
CA THR B 95 -16.39 -21.35 -4.70
C THR B 95 -15.62 -20.90 -5.94
N ARG B 96 -16.32 -20.80 -7.06
CA ARG B 96 -15.65 -20.41 -8.29
C ARG B 96 -15.35 -18.92 -8.27
N LYS B 97 -16.22 -18.17 -7.62
CA LYS B 97 -16.00 -16.73 -7.49
C LYS B 97 -14.86 -16.46 -6.51
N GLN B 98 -14.65 -17.39 -5.59
CA GLN B 98 -13.56 -17.27 -4.62
C GLN B 98 -12.26 -17.88 -5.15
N HIS B 99 -12.37 -18.70 -6.20
CA HIS B 99 -11.19 -19.23 -6.88
C HIS B 99 -10.36 -18.09 -7.47
N GLU B 100 -10.98 -17.28 -8.31
CA GLU B 100 -10.24 -16.26 -9.01
C GLU B 100 -9.86 -15.11 -8.07
N PHE B 101 -10.60 -14.97 -6.97
CA PHE B 101 -10.20 -14.02 -5.93
C PHE B 101 -8.82 -14.38 -5.43
N PHE B 102 -8.64 -15.65 -5.08
CA PHE B 102 -7.35 -16.10 -4.59
C PHE B 102 -6.30 -16.04 -5.69
N GLU B 103 -6.67 -16.40 -6.90
CA GLU B 103 -5.72 -16.38 -8.01
C GLU B 103 -5.24 -14.95 -8.23
N GLU B 104 -6.15 -13.99 -8.15
CA GLU B 104 -5.81 -12.57 -8.27
C GLU B 104 -5.02 -12.06 -7.06
N ALA B 105 -5.44 -12.43 -5.85
CA ALA B 105 -4.69 -12.05 -4.66
C ALA B 105 -3.28 -12.62 -4.73
N SER B 106 -3.16 -13.79 -5.33
CA SER B 106 -1.86 -14.43 -5.49
C SER B 106 -0.95 -13.63 -6.41
N ALA B 107 -1.53 -13.13 -7.51
CA ALA B 107 -0.77 -12.35 -8.48
C ALA B 107 -0.20 -11.09 -7.83
N ALA B 108 -0.88 -10.62 -6.80
CA ALA B 108 -0.46 -9.40 -6.09
C ALA B 108 0.45 -9.71 -4.90
N GLY B 109 0.83 -10.98 -4.75
CA GLY B 109 1.77 -11.38 -3.70
C GLY B 109 1.15 -11.83 -2.39
N LEU B 110 -0.15 -12.02 -2.40
CA LEU B 110 -0.88 -12.38 -1.18
C LEU B 110 -1.30 -13.85 -1.16
N VAL B 111 -0.32 -14.75 -1.23
CA VAL B 111 -0.61 -16.18 -1.28
C VAL B 111 -0.91 -16.72 0.12
N TYR B 112 0.02 -16.53 1.04
CA TYR B 112 -0.14 -17.05 2.38
C TYR B 112 -0.44 -15.94 3.38
N GLY B 113 -1.28 -16.26 4.36
CA GLY B 113 -1.52 -15.33 5.44
C GLY B 113 -2.64 -15.71 6.36
N LEU B 114 -3.02 -14.79 7.23
CA LEU B 114 -4.15 -15.02 8.12
C LEU B 114 -4.89 -13.72 8.43
N THR B 115 -6.13 -13.86 8.84
CA THR B 115 -6.98 -12.73 9.15
C THR B 115 -7.56 -12.85 10.54
N MET B 116 -7.31 -11.84 11.36
CA MET B 116 -7.88 -11.76 12.70
C MET B 116 -9.11 -10.89 12.61
N PRO B 117 -10.30 -11.47 12.84
CA PRO B 117 -11.47 -10.60 12.85
C PRO B 117 -11.33 -9.55 13.94
N LEU B 118 -12.02 -8.43 13.75
CA LEU B 118 -11.97 -7.34 14.69
C LEU B 118 -13.39 -6.97 15.08
N HIS B 119 -13.62 -6.90 16.37
CA HIS B 119 -14.90 -6.50 16.90
C HIS B 119 -14.65 -5.61 18.09
N GLY B 120 -14.72 -4.31 17.89
CA GLY B 120 -14.36 -3.37 18.93
C GLY B 120 -15.48 -3.15 19.95
N ALA B 121 -15.13 -2.52 21.05
CA ALA B 121 -16.05 -2.38 22.19
C ALA B 121 -17.30 -1.56 21.88
N ARG B 122 -17.23 -0.71 20.86
CA ARG B 122 -18.35 0.18 20.54
CA ARG B 122 -18.37 0.16 20.55
C ARG B 122 -19.06 -0.27 19.27
N GLY B 123 -18.83 -1.52 18.88
CA GLY B 123 -19.51 -2.07 17.73
C GLY B 123 -18.71 -2.02 16.46
N GLU B 124 -17.48 -1.50 16.51
CA GLU B 124 -16.62 -1.46 15.34
C GLU B 124 -16.46 -2.84 14.72
N LEU B 125 -16.38 -2.87 13.40
CA LEU B 125 -16.24 -4.14 12.69
C LEU B 125 -15.07 -4.03 11.73
N GLY B 126 -14.27 -5.08 11.62
CA GLY B 126 -13.11 -5.04 10.75
C GLY B 126 -12.23 -6.28 10.75
N ALA B 127 -11.00 -6.09 10.26
CA ALA B 127 -10.07 -7.19 10.04
C ALA B 127 -8.61 -6.75 10.10
N LEU B 128 -7.76 -7.54 10.76
CA LEU B 128 -6.32 -7.33 10.67
C LEU B 128 -5.71 -8.55 9.99
N SER B 129 -5.19 -8.32 8.80
CA SER B 129 -4.68 -9.40 7.99
C SER B 129 -3.19 -9.30 7.86
N PHE B 130 -2.54 -10.44 8.01
CA PHE B 130 -1.09 -10.58 7.91
C PHE B 130 -0.76 -11.53 6.79
N SER B 131 0.00 -11.10 5.80
CA SER B 131 0.47 -12.03 4.77
C SER B 131 1.96 -12.34 4.91
N VAL B 132 2.32 -13.58 4.66
CA VAL B 132 3.69 -14.00 4.83
C VAL B 132 4.21 -14.56 3.51
N GLU B 133 5.47 -14.27 3.23
CA GLU B 133 6.13 -14.84 2.07
C GLU B 133 6.73 -16.18 2.44
N ALA B 134 6.43 -17.20 1.64
CA ALA B 134 6.88 -18.55 1.95
C ALA B 134 6.91 -19.39 0.67
N GLU B 135 7.63 -20.52 0.71
CA GLU B 135 7.75 -21.41 -0.44
C GLU B 135 6.54 -22.31 -0.60
N ASN B 136 6.07 -22.84 0.53
CA ASN B 136 4.99 -23.81 0.53
C ASN B 136 4.06 -23.57 1.72
N ARG B 137 2.91 -24.25 1.77
CA ARG B 137 1.98 -24.00 2.86
C ARG B 137 2.46 -24.53 4.22
N ALA B 138 3.27 -25.59 4.21
CA ALA B 138 3.77 -26.15 5.46
C ALA B 138 4.62 -25.10 6.16
N GLU B 139 5.61 -24.58 5.43
CA GLU B 139 6.47 -23.53 5.95
C GLU B 139 5.64 -22.27 6.30
N ALA B 140 4.67 -21.93 5.47
CA ALA B 140 3.81 -20.76 5.71
C ALA B 140 3.11 -20.85 7.06
N ASN B 141 2.55 -22.03 7.33
CA ASN B 141 1.83 -22.25 8.57
C ASN B 141 2.75 -22.22 9.80
N ARG B 142 3.93 -22.80 9.65
CA ARG B 142 4.97 -22.74 10.69
C ARG B 142 5.23 -21.29 11.10
N PHE B 143 5.54 -20.46 10.11
CA PHE B 143 5.75 -19.02 10.27
C PHE B 143 4.59 -18.32 11.02
N MET B 144 3.37 -18.77 10.79
CA MET B 144 2.22 -18.09 11.37
C MET B 144 1.92 -18.69 12.74
N GLU B 145 1.95 -20.00 12.84
CA GLU B 145 1.62 -20.61 14.11
C GLU B 145 2.65 -20.34 15.20
N SER B 146 3.89 -20.06 14.80
CA SER B 146 4.95 -19.80 15.78
C SER B 146 4.69 -18.51 16.57
N VAL B 147 4.08 -17.52 15.93
CA VAL B 147 3.83 -16.25 16.60
C VAL B 147 2.37 -15.95 16.87
N LEU B 148 1.51 -16.94 16.63
CA LEU B 148 0.09 -16.74 16.78
C LEU B 148 -0.32 -16.15 18.14
N PRO B 149 0.32 -16.57 19.26
CA PRO B 149 -0.07 -15.92 20.53
C PRO B 149 0.24 -14.43 20.54
N THR B 150 1.38 -14.06 19.96
CA THR B 150 1.76 -12.65 19.85
C THR B 150 0.82 -11.89 18.93
N LEU B 151 0.49 -12.46 17.78
CA LEU B 151 -0.50 -11.86 16.88
C LEU B 151 -1.84 -11.68 17.57
N TRP B 152 -2.18 -12.59 18.49
CA TRP B 152 -3.49 -12.55 19.11
C TRP B 152 -3.61 -11.33 19.98
N MET B 153 -2.53 -11.04 20.70
CA MET B 153 -2.45 -9.86 21.52
C MET B 153 -2.39 -8.61 20.63
N LEU B 154 -1.55 -8.67 19.60
CA LEU B 154 -1.38 -7.54 18.70
C LEU B 154 -2.70 -7.10 18.06
N LYS B 155 -3.55 -8.06 17.65
CA LYS B 155 -4.80 -7.67 16.99
C LYS B 155 -5.73 -6.88 17.92
N ASP B 156 -5.75 -7.23 19.21
CA ASP B 156 -6.62 -6.51 20.13
C ASP B 156 -6.01 -5.15 20.49
N TYR B 157 -4.69 -5.13 20.67
CA TYR B 157 -4.00 -3.86 20.87
C TYR B 157 -4.19 -2.96 19.67
N ALA B 158 -4.08 -3.52 18.46
CA ALA B 158 -4.30 -2.76 17.23
C ALA B 158 -5.73 -2.27 17.15
N LEU B 159 -6.66 -3.14 17.55
CA LEU B 159 -8.08 -2.81 17.53
C LEU B 159 -8.43 -1.65 18.46
N GLN B 160 -7.98 -1.72 19.72
CA GLN B 160 -8.29 -0.67 20.68
C GLN B 160 -7.68 0.68 20.29
N SER B 161 -6.37 0.69 20.06
CA SER B 161 -5.68 1.90 19.63
C SER B 161 -6.24 2.38 18.29
N GLY B 162 -6.26 1.49 17.31
CA GLY B 162 -6.80 1.79 15.98
C GLY B 162 -8.20 2.38 15.91
N ALA B 163 -9.14 1.83 16.68
CA ALA B 163 -10.51 2.33 16.68
C ALA B 163 -10.53 3.75 17.22
N GLY B 164 -9.59 4.05 18.12
CA GLY B 164 -9.46 5.36 18.72
C GLY B 164 -8.76 6.39 17.85
N LEU B 165 -8.14 5.95 16.75
CA LEU B 165 -7.51 6.90 15.83
C LEU B 165 -8.34 7.07 14.58
N ALA B 166 -8.84 5.95 14.08
CA ALA B 166 -9.73 5.94 12.94
C ALA B 166 -10.89 6.87 13.19
N PHE B 167 -11.59 6.61 14.28
CA PHE B 167 -12.87 7.22 14.56
C PHE B 167 -12.80 8.25 15.66
N GLU B 168 -11.72 8.26 16.45
CA GLU B 168 -11.58 9.22 17.55
C GLU B 168 -10.27 10.02 17.49
#